data_5U7C
#
_entry.id   5U7C
#
_cell.length_a   38.066
_cell.length_b   88.675
_cell.length_c   54.832
_cell.angle_alpha   90.000
_cell.angle_beta   98.310
_cell.angle_gamma   90.000
#
_symmetry.space_group_name_H-M   'P 1 21 1'
#
loop_
_entity.id
_entity.type
_entity.pdbx_description
1 polymer 'Alkylmercury lyase'
2 non-polymer 'DIETHYLLEAD DIBROMIDE'
3 non-polymer 'BROMIDE ION'
4 non-polymer 'ACETATE ION'
5 water water
#
_entity_poly.entity_id   1
_entity_poly.type   'polypeptide(L)'
_entity_poly.pdbx_seq_one_letter_code
;MKLAPYILELLTSVNRTNGTADLLVPLLRELAKGRPVSRTTLAGILDWPAERVAAVLEQATSTEYDKDGNIIGYGLTLRE
TSYVFEIDDRRLYAWCALDTLIFPALIGRTARVSSHCAATGAPVSLTVSPSEIQAVEPAGMAVSLVLPQEAADVRQSFCC
HVHFFASVPTAEDWASKHQGLEGLAIVSVHEAFGLGQEFNRHLLQTMSSRTP
;
_entity_poly.pdbx_strand_id   A,B
#
# COMPACT_ATOMS: atom_id res chain seq x y z
N MET A 1 -14.39 24.67 -2.52
CA MET A 1 -13.49 25.61 -3.25
C MET A 1 -13.71 25.47 -4.77
N LYS A 2 -12.62 25.31 -5.53
CA LYS A 2 -12.66 25.18 -6.98
C LYS A 2 -11.86 23.94 -7.33
N LEU A 3 -12.55 22.90 -7.79
CA LEU A 3 -11.92 21.59 -7.94
C LEU A 3 -11.65 21.22 -9.40
N ALA A 4 -11.83 22.16 -10.33
CA ALA A 4 -11.53 21.89 -11.74
C ALA A 4 -10.12 21.34 -11.97
N PRO A 5 -9.06 21.87 -11.33
CA PRO A 5 -7.72 21.28 -11.56
C PRO A 5 -7.66 19.78 -11.25
N TYR A 6 -8.36 19.33 -10.21
CA TYR A 6 -8.31 17.92 -9.86
C TYR A 6 -9.09 17.08 -10.87
N ILE A 7 -10.27 17.54 -11.28
CA ILE A 7 -11.07 16.85 -12.28
C ILE A 7 -10.27 16.75 -13.58
N LEU A 8 -9.66 17.86 -13.98
CA LEU A 8 -8.87 17.88 -15.20
C LEU A 8 -7.74 16.86 -15.16
N GLU A 9 -6.94 16.87 -14.10
CA GLU A 9 -5.80 15.95 -14.09
C GLU A 9 -6.22 14.50 -13.91
N LEU A 10 -7.30 14.22 -13.17
CA LEU A 10 -7.81 12.85 -13.08
C LEU A 10 -8.27 12.32 -14.44
N LEU A 11 -9.03 13.13 -15.17
CA LEU A 11 -9.47 12.72 -16.50
C LEU A 11 -8.29 12.52 -17.43
N THR A 12 -7.29 13.42 -17.39
CA THR A 12 -6.16 13.28 -18.29
C THR A 12 -5.40 11.99 -18.01
N SER A 13 -5.30 11.61 -16.74
CA SER A 13 -4.59 10.39 -16.39
C SER A 13 -5.32 9.15 -16.89
N VAL A 14 -6.66 9.18 -16.91
CA VAL A 14 -7.41 8.06 -17.46
C VAL A 14 -7.38 8.08 -18.98
N ASN A 15 -7.42 9.26 -19.62
CA ASN A 15 -7.50 9.30 -21.07
C ASN A 15 -6.11 9.29 -21.73
N ARG A 16 -5.04 9.27 -20.93
CA ARG A 16 -3.68 9.31 -21.44
C ARG A 16 -3.31 8.04 -22.19
N THR A 17 -3.81 6.90 -21.72
CA THR A 17 -3.62 5.62 -22.39
C THR A 17 -4.96 5.25 -23.00
N ASN A 18 -4.98 5.20 -24.32
CA ASN A 18 -6.20 4.82 -25.02
C ASN A 18 -6.68 3.47 -24.48
N GLY A 19 -7.99 3.33 -24.33
CA GLY A 19 -8.57 2.10 -23.83
C GLY A 19 -8.89 2.10 -22.34
N THR A 20 -8.10 2.80 -21.51
CA THR A 20 -8.27 2.74 -20.06
C THR A 20 -9.69 3.04 -19.64
N ALA A 21 -10.26 4.17 -20.09
CA ALA A 21 -11.61 4.51 -19.64
C ALA A 21 -12.60 3.41 -20.04
N ASP A 22 -12.40 2.83 -21.22
CA ASP A 22 -13.33 1.81 -21.71
C ASP A 22 -13.15 0.48 -20.98
N LEU A 23 -11.96 0.23 -20.47
CA LEU A 23 -11.74 -0.99 -19.70
C LEU A 23 -12.11 -0.81 -18.22
N LEU A 24 -12.02 0.41 -17.69
CA LEU A 24 -12.18 0.65 -16.25
C LEU A 24 -13.55 0.18 -15.74
N VAL A 25 -14.63 0.69 -16.33
CA VAL A 25 -15.95 0.38 -15.81
C VAL A 25 -16.27 -1.11 -15.89
N PRO A 26 -16.10 -1.79 -17.02
CA PRO A 26 -16.33 -3.25 -17.01
C PRO A 26 -15.45 -3.98 -16.00
N LEU A 27 -14.19 -3.59 -15.88
CA LEU A 27 -13.36 -4.23 -14.87
C LEU A 27 -13.87 -3.99 -13.44
N LEU A 28 -14.25 -2.74 -13.12
CA LEU A 28 -14.75 -2.47 -11.78
C LEU A 28 -16.00 -3.27 -11.49
N ARG A 29 -16.89 -3.40 -12.47
CA ARG A 29 -18.10 -4.20 -12.25
C ARG A 29 -17.76 -5.66 -11.99
N GLU A 30 -16.74 -6.18 -12.69
CA GLU A 30 -16.36 -7.57 -12.46
C GLU A 30 -15.70 -7.73 -11.09
N LEU A 31 -14.75 -6.85 -10.76
CA LEU A 31 -14.09 -6.96 -9.45
C LEU A 31 -15.10 -6.86 -8.31
N ALA A 32 -16.20 -6.13 -8.54
CA ALA A 32 -17.20 -5.91 -7.48
C ALA A 32 -17.94 -7.18 -7.12
N LYS A 33 -17.85 -8.21 -7.95
CA LYS A 33 -18.33 -9.55 -7.58
C LYS A 33 -17.48 -10.21 -6.50
N GLY A 34 -16.29 -9.68 -6.25
CA GLY A 34 -15.42 -10.15 -5.21
C GLY A 34 -14.49 -11.29 -5.58
N ARG A 35 -14.33 -11.59 -6.87
CA ARG A 35 -13.49 -12.68 -7.35
C ARG A 35 -12.41 -12.14 -8.27
N PRO A 36 -11.25 -12.79 -8.35
CA PRO A 36 -10.23 -12.36 -9.31
C PRO A 36 -10.77 -12.39 -10.73
N VAL A 37 -10.24 -11.49 -11.57
CA VAL A 37 -10.73 -11.31 -12.95
C VAL A 37 -9.60 -11.64 -13.91
N SER A 38 -9.80 -12.67 -14.72
CA SER A 38 -8.80 -13.02 -15.73
C SER A 38 -8.82 -12.05 -16.91
N ARG A 39 -7.66 -11.93 -17.56
CA ARG A 39 -7.58 -11.16 -18.79
C ARG A 39 -8.53 -11.71 -19.85
N THR A 40 -8.66 -13.05 -19.92
CA THR A 40 -9.56 -13.64 -20.89
C THR A 40 -11.01 -13.24 -20.59
N THR A 41 -11.39 -13.26 -19.33
CA THR A 41 -12.75 -12.84 -19.01
C THR A 41 -12.98 -11.41 -19.44
N LEU A 42 -12.01 -10.54 -19.17
CA LEU A 42 -12.13 -9.12 -19.49
C LEU A 42 -12.22 -8.91 -21.00
N ALA A 43 -11.35 -9.59 -21.76
CA ALA A 43 -11.40 -9.48 -23.20
C ALA A 43 -12.77 -9.89 -23.75
N GLY A 44 -13.37 -10.90 -23.16
CA GLY A 44 -14.68 -11.34 -23.61
C GLY A 44 -15.77 -10.31 -23.31
N ILE A 45 -15.67 -9.65 -22.16
CA ILE A 45 -16.66 -8.63 -21.79
C ILE A 45 -16.51 -7.42 -22.69
N LEU A 46 -15.26 -7.03 -22.97
CA LEU A 46 -15.02 -5.87 -23.83
C LEU A 46 -15.21 -6.17 -25.31
N ASP A 47 -15.24 -7.43 -25.69
CA ASP A 47 -15.13 -7.80 -27.10
C ASP A 47 -13.84 -7.26 -27.70
N TRP A 48 -12.72 -7.39 -26.94
CA TRP A 48 -11.42 -6.94 -27.40
C TRP A 48 -10.50 -8.13 -27.64
N PRO A 49 -9.59 -8.02 -28.60
CA PRO A 49 -8.47 -8.97 -28.65
C PRO A 49 -7.69 -8.95 -27.35
N ALA A 50 -7.13 -10.11 -27.00
CA ALA A 50 -6.36 -10.22 -25.77
C ALA A 50 -5.18 -9.27 -25.78
N GLU A 51 -4.60 -9.00 -26.95
CA GLU A 51 -3.41 -8.17 -27.00
C GLU A 51 -3.73 -6.74 -26.64
N ARG A 52 -4.97 -6.32 -26.87
CA ARG A 52 -5.38 -4.96 -26.54
C ARG A 52 -5.64 -4.83 -25.03
N VAL A 53 -6.33 -5.81 -24.44
CA VAL A 53 -6.45 -5.82 -22.99
C VAL A 53 -5.05 -5.76 -22.36
N ALA A 54 -4.10 -6.54 -22.90
CA ALA A 54 -2.76 -6.57 -22.32
C ALA A 54 -2.09 -5.20 -22.40
N ALA A 55 -2.15 -4.56 -23.57
CA ALA A 55 -1.46 -3.29 -23.75
C ALA A 55 -2.00 -2.22 -22.80
N VAL A 56 -3.31 -2.20 -22.57
CA VAL A 56 -3.87 -1.23 -21.64
C VAL A 56 -3.40 -1.51 -20.21
N LEU A 57 -3.46 -2.77 -19.77
CA LEU A 57 -3.06 -3.09 -18.41
C LEU A 57 -1.56 -2.84 -18.21
N GLU A 58 -0.78 -3.02 -19.27
CA GLU A 58 0.66 -2.78 -19.21
C GLU A 58 0.97 -1.34 -18.77
N GLN A 59 0.19 -0.39 -19.26
CA GLN A 59 0.39 1.01 -18.88
C GLN A 59 -0.12 1.32 -17.49
N ALA A 60 -0.96 0.46 -16.90
CA ALA A 60 -1.52 0.70 -15.58
C ALA A 60 -0.65 -0.03 -14.54
N THR A 61 0.45 0.63 -14.17
CA THR A 61 1.53 -0.02 -13.45
C THR A 61 1.17 -0.37 -12.00
N SER A 62 0.08 0.20 -11.47
CA SER A 62 -0.33 -0.11 -10.11
C SER A 62 -1.26 -1.33 -10.04
N THR A 63 -1.67 -1.85 -11.17
CA THR A 63 -2.55 -3.02 -11.17
C THR A 63 -2.00 -4.13 -10.29
N GLU A 64 -2.90 -4.72 -9.51
CA GLU A 64 -2.58 -5.79 -8.58
C GLU A 64 -3.04 -7.11 -9.19
N TYR A 65 -2.18 -8.11 -9.07
CA TYR A 65 -2.45 -9.43 -9.59
C TYR A 65 -2.35 -10.47 -8.48
N ASP A 66 -3.02 -11.58 -8.69
CA ASP A 66 -2.82 -12.71 -7.80
C ASP A 66 -1.80 -13.73 -8.36
N LYS A 67 -1.67 -14.83 -7.64
CA LYS A 67 -0.70 -15.87 -7.96
C LYS A 67 -0.91 -16.47 -9.35
N ASP A 68 -2.12 -16.36 -9.89
CA ASP A 68 -2.44 -16.90 -11.22
C ASP A 68 -2.40 -15.83 -12.31
N GLY A 69 -1.99 -14.60 -11.97
CA GLY A 69 -1.99 -13.46 -12.85
C GLY A 69 -3.36 -12.90 -13.18
N ASN A 70 -4.40 -13.32 -12.45
CA ASN A 70 -5.70 -12.67 -12.50
C ASN A 70 -5.60 -11.28 -11.89
N ILE A 71 -6.42 -10.37 -12.39
CA ILE A 71 -6.51 -9.02 -11.84
C ILE A 71 -7.31 -9.08 -10.55
N ILE A 72 -6.74 -8.55 -9.47
CA ILE A 72 -7.46 -8.45 -8.21
C ILE A 72 -7.53 -7.01 -7.69
N GLY A 73 -6.85 -6.05 -8.35
CA GLY A 73 -6.91 -4.69 -7.84
C GLY A 73 -6.62 -3.69 -8.92
N TYR A 74 -7.60 -2.80 -9.13
CA TYR A 74 -7.50 -1.60 -9.98
C TYR A 74 -8.48 -0.57 -9.43
N GLY A 75 -8.01 0.22 -8.45
CA GLY A 75 -8.84 1.16 -7.72
C GLY A 75 -9.68 0.47 -6.67
N LEU A 76 -10.57 -0.40 -7.13
CA LEU A 76 -11.24 -1.38 -6.29
C LEU A 76 -10.36 -2.61 -6.18
N THR A 77 -10.25 -3.19 -5.00
CA THR A 77 -9.29 -4.28 -4.86
C THR A 77 -9.79 -5.32 -3.88
N LEU A 78 -9.37 -6.56 -4.13
CA LEU A 78 -9.65 -7.66 -3.24
C LEU A 78 -8.64 -7.76 -2.10
N ARG A 79 -7.53 -7.03 -2.19
CA ARG A 79 -6.46 -7.06 -1.20
C ARG A 79 -6.66 -5.93 -0.21
N GLU A 80 -6.51 -6.24 1.09
CA GLU A 80 -6.84 -5.32 2.17
C GLU A 80 -6.10 -3.98 2.09
N THR A 81 -6.83 -2.90 2.28
CA THR A 81 -6.32 -1.54 2.40
C THR A 81 -6.98 -0.85 3.61
N SER A 82 -6.61 0.43 3.83
CA SER A 82 -7.26 1.29 4.82
C SER A 82 -8.69 1.68 4.48
N TYR A 83 -9.17 1.40 3.28
CA TYR A 83 -10.47 1.88 2.83
C TYR A 83 -11.35 0.67 2.57
N VAL A 84 -12.26 0.40 3.49
CA VAL A 84 -13.15 -0.75 3.36
C VAL A 84 -14.37 -0.34 2.55
N PHE A 85 -14.71 -1.14 1.55
CA PHE A 85 -15.78 -0.92 0.59
C PHE A 85 -16.67 -2.15 0.57
N GLU A 86 -17.75 -2.14 1.33
CA GLU A 86 -18.60 -3.31 1.47
C GLU A 86 -19.85 -3.17 0.60
N ILE A 87 -20.06 -4.14 -0.29
CA ILE A 87 -21.27 -4.22 -1.08
C ILE A 87 -21.86 -5.62 -0.96
N ASP A 88 -23.16 -5.69 -0.67
CA ASP A 88 -23.86 -6.95 -0.48
C ASP A 88 -23.05 -7.91 0.40
N ASP A 89 -22.57 -7.39 1.52
CA ASP A 89 -21.86 -8.14 2.56
C ASP A 89 -20.51 -8.69 2.09
N ARG A 90 -20.13 -8.50 0.83
CA ARG A 90 -18.77 -8.75 0.36
C ARG A 90 -17.88 -7.58 0.76
N ARG A 91 -16.84 -7.87 1.52
CA ARG A 91 -15.90 -6.84 1.94
C ARG A 91 -14.83 -6.74 0.87
N LEU A 92 -14.86 -5.65 0.14
CA LEU A 92 -13.83 -5.25 -0.81
C LEU A 92 -13.12 -4.02 -0.25
N TYR A 93 -12.13 -3.54 -1.00
CA TYR A 93 -11.27 -2.46 -0.55
C TYR A 93 -11.04 -1.49 -1.68
N ALA A 94 -10.55 -0.31 -1.33
CA ALA A 94 -10.28 0.73 -2.31
C ALA A 94 -8.90 1.31 -2.04
N TRP A 95 -8.26 1.84 -3.10
CA TRP A 95 -6.94 2.41 -2.98
C TRP A 95 -6.93 3.74 -2.23
N CYS A 96 -7.97 4.54 -2.31
CA CYS A 96 -7.98 5.85 -1.65
C CYS A 96 -9.39 6.27 -1.30
N ALA A 97 -9.50 7.34 -0.51
CA ALA A 97 -10.81 7.83 -0.09
C ALA A 97 -11.69 8.22 -1.30
N LEU A 98 -11.09 8.84 -2.31
CA LEU A 98 -11.91 9.34 -3.42
C LEU A 98 -12.48 8.19 -4.25
N ASP A 99 -11.72 7.09 -4.37
CA ASP A 99 -12.22 5.87 -5.04
C ASP A 99 -13.54 5.41 -4.43
N THR A 100 -13.64 5.44 -3.09
CA THR A 100 -14.87 4.96 -2.47
C THR A 100 -16.06 5.82 -2.79
N LEU A 101 -15.84 7.09 -3.14
CA LEU A 101 -16.91 8.01 -3.49
C LEU A 101 -17.33 7.87 -4.96
N ILE A 102 -16.41 7.43 -5.81
CA ILE A 102 -16.63 7.39 -7.27
C ILE A 102 -17.23 6.07 -7.70
N PHE A 103 -16.77 4.96 -7.11
CA PHE A 103 -17.13 3.65 -7.63
C PHE A 103 -18.62 3.32 -7.57
N PRO A 104 -19.37 3.64 -6.51
CA PRO A 104 -20.78 3.21 -6.49
C PRO A 104 -21.57 3.58 -7.73
N ALA A 105 -21.40 4.81 -8.25
CA ALA A 105 -22.09 5.20 -9.48
C ALA A 105 -21.63 4.37 -10.67
N LEU A 106 -20.34 4.07 -10.74
CA LEU A 106 -19.83 3.31 -11.88
C LEU A 106 -20.27 1.86 -11.85
N ILE A 107 -20.45 1.25 -10.67
CA ILE A 107 -20.87 -0.14 -10.62
C ILE A 107 -22.36 -0.28 -10.32
N GLY A 108 -23.07 0.82 -10.08
CA GLY A 108 -24.50 0.78 -9.82
C GLY A 108 -24.87 0.05 -8.55
N ARG A 109 -24.07 0.22 -7.49
CA ARG A 109 -24.34 -0.43 -6.22
C ARG A 109 -24.10 0.56 -5.09
N THR A 110 -24.76 0.33 -3.96
CA THR A 110 -24.51 1.11 -2.77
C THR A 110 -23.47 0.40 -1.91
N ALA A 111 -22.53 1.17 -1.38
CA ALA A 111 -21.45 0.65 -0.55
C ALA A 111 -21.44 1.25 0.83
N ARG A 112 -21.17 0.39 1.82
CA ARG A 112 -20.87 0.80 3.20
C ARG A 112 -19.37 0.98 3.25
N VAL A 113 -18.93 2.22 3.39
CA VAL A 113 -17.52 2.59 3.35
C VAL A 113 -17.04 2.85 4.79
N SER A 114 -15.84 2.40 5.13
CA SER A 114 -15.28 2.69 6.45
C SER A 114 -13.77 2.80 6.38
N SER A 115 -13.20 3.63 7.25
CA SER A 115 -11.76 3.82 7.31
C SER A 115 -11.40 4.40 8.68
N HIS A 116 -10.22 5.00 8.77
CA HIS A 116 -9.77 5.71 9.94
C HIS A 116 -9.20 7.05 9.50
N CYS A 117 -9.52 8.08 10.26
CA CYS A 117 -8.93 9.39 10.11
C CYS A 117 -7.42 9.29 10.05
N ALA A 118 -6.83 9.82 8.99
CA ALA A 118 -5.39 9.71 8.84
C ALA A 118 -4.63 10.62 9.83
N ALA A 119 -5.31 11.60 10.43
CA ALA A 119 -4.70 12.47 11.44
C ALA A 119 -4.83 11.93 12.87
N THR A 120 -5.94 11.27 13.20
CA THR A 120 -6.22 10.91 14.61
C THR A 120 -6.53 9.45 14.83
N GLY A 121 -6.67 8.64 13.77
CA GLY A 121 -7.06 7.26 13.88
C GLY A 121 -8.51 7.02 14.28
N ALA A 122 -9.27 8.08 14.45
CA ALA A 122 -10.69 7.98 14.74
C ALA A 122 -11.41 7.20 13.63
N PRO A 123 -12.33 6.32 13.97
CA PRO A 123 -13.12 5.65 12.92
C PRO A 123 -14.00 6.63 12.15
N VAL A 124 -14.13 6.35 10.87
CA VAL A 124 -14.99 7.13 9.99
C VAL A 124 -15.78 6.16 9.13
N SER A 125 -17.05 6.49 8.85
CA SER A 125 -17.82 5.64 7.96
C SER A 125 -18.90 6.46 7.28
N LEU A 126 -19.39 5.93 6.15
CA LEU A 126 -20.50 6.56 5.44
C LEU A 126 -21.04 5.56 4.45
N THR A 127 -22.27 5.80 4.00
CA THR A 127 -22.89 4.99 2.96
C THR A 127 -22.91 5.78 1.66
N VAL A 128 -22.35 5.20 0.59
CA VAL A 128 -22.21 5.87 -0.69
C VAL A 128 -23.07 5.14 -1.72
N SER A 129 -24.07 5.83 -2.25
CA SER A 129 -24.91 5.35 -3.32
CA SER A 129 -24.87 5.30 -3.33
C SER A 129 -24.51 6.01 -4.63
N PRO A 130 -25.04 5.55 -5.76
CA PRO A 130 -24.72 6.23 -7.03
C PRO A 130 -25.06 7.70 -7.02
N SER A 131 -26.03 8.12 -6.20
CA SER A 131 -26.52 9.49 -6.26
C SER A 131 -26.20 10.33 -5.04
N GLU A 132 -25.91 9.71 -3.89
CA GLU A 132 -25.86 10.48 -2.66
C GLU A 132 -25.01 9.76 -1.62
N ILE A 133 -24.61 10.51 -0.59
CA ILE A 133 -23.97 9.95 0.59
C ILE A 133 -24.92 10.14 1.76
N GLN A 134 -24.93 9.16 2.65
CA GLN A 134 -25.77 9.18 3.83
C GLN A 134 -24.95 8.62 4.99
N ALA A 135 -25.51 8.75 6.20
CA ALA A 135 -24.90 8.19 7.42
C ALA A 135 -23.43 8.56 7.52
N VAL A 136 -23.13 9.83 7.24
CA VAL A 136 -21.78 10.35 7.32
C VAL A 136 -21.39 10.47 8.81
N GLU A 137 -20.38 9.72 9.22
CA GLU A 137 -19.90 9.69 10.61
C GLU A 137 -18.38 9.83 10.74
N PRO A 138 -17.87 10.96 11.26
CA PRO A 138 -18.55 12.15 11.73
C PRO A 138 -19.10 12.98 10.59
N ALA A 139 -20.14 13.77 10.90
CA ALA A 139 -20.83 14.56 9.87
C ALA A 139 -19.87 15.51 9.16
N GLY A 140 -18.85 16.01 9.86
CA GLY A 140 -17.92 16.97 9.28
C GLY A 140 -16.73 16.34 8.58
N MET A 141 -16.86 15.06 8.25
CA MET A 141 -15.78 14.29 7.67
C MET A 141 -15.17 15.00 6.48
N ALA A 142 -13.84 14.91 6.37
CA ALA A 142 -13.10 15.62 5.34
C ALA A 142 -12.25 14.64 4.54
N VAL A 143 -11.76 15.14 3.40
CA VAL A 143 -10.93 14.37 2.46
C VAL A 143 -9.74 15.23 2.04
N SER A 144 -8.56 14.63 1.90
CA SER A 144 -7.41 15.32 1.31
C SER A 144 -7.34 15.03 -0.18
N LEU A 145 -6.98 16.05 -0.95
CA LEU A 145 -6.77 15.94 -2.40
C LEU A 145 -5.37 16.45 -2.71
N VAL A 146 -4.72 15.81 -3.69
CA VAL A 146 -3.48 16.32 -4.27
C VAL A 146 -3.65 16.31 -5.77
N LEU A 147 -2.79 17.04 -6.46
CA LEU A 147 -2.81 17.02 -7.91
C LEU A 147 -2.08 15.80 -8.43
N PRO A 148 -2.75 14.89 -9.14
CA PRO A 148 -2.02 13.80 -9.79
C PRO A 148 -0.91 14.35 -10.69
N GLN A 149 0.17 13.60 -10.82
CA GLN A 149 1.30 14.00 -11.65
C GLN A 149 1.34 13.14 -12.91
N GLU A 150 1.79 13.79 -14.01
CA GLU A 150 2.03 13.11 -15.28
C GLU A 150 2.86 11.85 -15.10
N ALA A 151 2.45 10.78 -15.77
CA ALA A 151 3.28 9.59 -15.94
C ALA A 151 3.97 9.22 -14.64
N ALA A 152 3.26 9.34 -13.54
CA ALA A 152 3.70 8.83 -12.24
C ALA A 152 2.79 7.69 -11.85
N ASP A 153 3.35 6.72 -11.11
CA ASP A 153 2.53 5.64 -10.55
C ASP A 153 1.33 6.25 -9.82
N VAL A 154 0.11 6.00 -10.32
CA VAL A 154 -1.03 6.79 -9.85
C VAL A 154 -1.29 6.55 -8.38
N ARG A 155 -0.96 5.36 -7.88
CA ARG A 155 -1.26 5.03 -6.49
C ARG A 155 -0.25 5.66 -5.53
N GLN A 156 1.04 5.66 -5.88
CA GLN A 156 2.01 6.35 -5.05
C GLN A 156 1.97 7.86 -5.24
N SER A 157 1.45 8.34 -6.37
CA SER A 157 1.39 9.77 -6.62
C SER A 157 0.12 10.43 -6.09
N PHE A 158 -0.99 9.71 -6.10
CA PHE A 158 -2.29 10.30 -5.76
C PHE A 158 -2.96 9.54 -4.63
N CYS A 159 -3.27 8.25 -4.83
CA CYS A 159 -4.09 7.52 -3.85
C CYS A 159 -3.48 7.58 -2.46
N CYS A 160 -2.16 7.45 -2.36
CA CYS A 160 -1.56 7.33 -1.04
C CYS A 160 -1.63 8.63 -0.24
N HIS A 161 -2.07 9.73 -0.86
CA HIS A 161 -2.20 11.02 -0.17
C HIS A 161 -3.63 11.48 -0.01
N VAL A 162 -4.59 10.66 -0.45
CA VAL A 162 -6.00 11.00 -0.50
C VAL A 162 -6.70 10.18 0.57
N HIS A 163 -6.91 10.80 1.73
CA HIS A 163 -7.36 10.16 2.96
C HIS A 163 -8.69 10.73 3.41
N PHE A 164 -9.35 9.99 4.29
CA PHE A 164 -10.44 10.51 5.10
C PHE A 164 -9.88 11.08 6.40
N PHE A 165 -10.58 12.09 6.92
CA PHE A 165 -10.24 12.76 8.17
C PHE A 165 -11.52 12.98 8.94
N ALA A 166 -11.39 13.06 10.26
CA ALA A 166 -12.58 13.21 11.12
C ALA A 166 -13.26 14.57 10.90
N SER A 167 -12.51 15.62 10.57
CA SER A 167 -13.07 16.96 10.43
C SER A 167 -12.17 17.79 9.54
N VAL A 168 -12.74 18.86 8.99
CA VAL A 168 -11.94 19.79 8.20
C VAL A 168 -10.82 20.43 9.03
N PRO A 169 -11.08 20.93 10.26
CA PRO A 169 -9.96 21.50 11.04
C PRO A 169 -8.87 20.49 11.40
N THR A 170 -9.25 19.25 11.72
CA THR A 170 -8.28 18.19 11.94
C THR A 170 -7.40 17.97 10.71
N ALA A 171 -8.04 17.92 9.55
CA ALA A 171 -7.31 17.74 8.28
C ALA A 171 -6.43 18.93 7.96
N GLU A 172 -6.89 20.16 8.25
CA GLU A 172 -6.04 21.32 7.99
C GLU A 172 -4.84 21.34 8.92
N ASP A 173 -5.01 20.94 10.19
CA ASP A 173 -3.88 20.76 11.09
C ASP A 173 -2.88 19.76 10.51
N TRP A 174 -3.37 18.59 10.08
CA TRP A 174 -2.50 17.61 9.43
C TRP A 174 -1.85 18.20 8.18
N ALA A 175 -2.62 18.93 7.37
CA ALA A 175 -2.13 19.47 6.11
C ALA A 175 -1.01 20.47 6.31
N SER A 176 -0.99 21.17 7.43
CA SER A 176 0.04 22.17 7.67
C SER A 176 1.41 21.53 7.73
N LYS A 177 1.47 20.27 8.11
CA LYS A 177 2.71 19.51 8.23
C LYS A 177 3.16 18.88 6.91
N HIS A 178 2.32 18.89 5.88
CA HIS A 178 2.58 18.16 4.65
C HIS A 178 2.48 19.06 3.42
N GLN A 179 3.06 20.26 3.47
CA GLN A 179 2.96 21.21 2.37
C GLN A 179 3.85 20.86 1.18
N GLY A 180 4.75 19.88 1.30
CA GLY A 180 5.45 19.43 0.11
C GLY A 180 4.57 18.69 -0.89
N LEU A 181 3.34 18.36 -0.51
CA LEU A 181 2.48 17.58 -1.39
C LEU A 181 1.87 18.50 -2.43
N GLU A 182 1.98 18.10 -3.68
CA GLU A 182 1.66 18.98 -4.79
C GLU A 182 0.15 19.25 -4.82
N GLY A 183 -0.21 20.53 -4.69
CA GLY A 183 -1.61 20.93 -4.73
C GLY A 183 -2.44 20.38 -3.60
N LEU A 184 -1.84 20.15 -2.43
CA LEU A 184 -2.60 19.60 -1.32
C LEU A 184 -3.74 20.53 -0.95
N ALA A 185 -4.94 19.96 -0.82
CA ALA A 185 -6.13 20.70 -0.44
C ALA A 185 -7.03 19.85 0.42
N ILE A 186 -7.70 20.48 1.38
CA ILE A 186 -8.66 19.80 2.25
C ILE A 186 -10.06 20.23 1.86
N VAL A 187 -10.95 19.27 1.64
CA VAL A 187 -12.36 19.54 1.33
C VAL A 187 -13.26 18.68 2.22
N SER A 188 -14.53 19.08 2.33
CA SER A 188 -15.48 18.20 3.00
C SER A 188 -15.72 16.94 2.17
N VAL A 189 -16.23 15.91 2.83
CA VAL A 189 -16.54 14.70 2.06
C VAL A 189 -17.66 14.98 1.06
N HIS A 190 -18.58 15.92 1.35
CA HIS A 190 -19.59 16.29 0.34
C HIS A 190 -18.96 16.95 -0.90
N GLU A 191 -18.01 17.86 -0.68
CA GLU A 191 -17.26 18.44 -1.80
C GLU A 191 -16.52 17.36 -2.58
N ALA A 192 -15.90 16.39 -1.88
CA ALA A 192 -15.19 15.31 -2.56
C ALA A 192 -16.15 14.42 -3.36
N PHE A 193 -17.35 14.18 -2.83
CA PHE A 193 -18.34 13.41 -3.59
C PHE A 193 -18.78 14.16 -4.85
N GLY A 194 -18.97 15.47 -4.74
CA GLY A 194 -19.26 16.28 -5.92
C GLY A 194 -18.15 16.22 -6.95
N LEU A 195 -16.88 16.24 -6.50
CA LEU A 195 -15.78 16.06 -7.45
C LEU A 195 -15.89 14.72 -8.16
N GLY A 196 -16.22 13.67 -7.41
CA GLY A 196 -16.42 12.36 -7.98
C GLY A 196 -17.55 12.32 -9.00
N GLN A 197 -18.65 13.03 -8.73
CA GLN A 197 -19.73 13.06 -9.70
C GLN A 197 -19.29 13.75 -11.00
N GLU A 198 -18.51 14.84 -10.90
CA GLU A 198 -18.04 15.50 -12.13
C GLU A 198 -17.08 14.62 -12.91
N PHE A 199 -16.15 13.94 -12.21
CA PHE A 199 -15.27 12.98 -12.85
C PHE A 199 -16.07 11.92 -13.59
N ASN A 200 -17.06 11.33 -12.91
CA ASN A 200 -17.81 10.22 -13.52
C ASN A 200 -18.62 10.69 -14.73
N ARG A 201 -19.19 11.88 -14.65
CA ARG A 201 -19.96 12.39 -15.77
C ARG A 201 -19.08 12.51 -17.01
N HIS A 202 -17.92 13.14 -16.87
CA HIS A 202 -16.98 13.27 -18.00
C HIS A 202 -16.48 11.93 -18.45
N LEU A 203 -16.21 11.02 -17.50
CA LEU A 203 -15.72 9.69 -17.85
C LEU A 203 -16.72 8.99 -18.77
N LEU A 204 -17.99 8.97 -18.40
CA LEU A 204 -18.96 8.25 -19.21
C LEU A 204 -19.11 8.88 -20.57
N GLN A 205 -18.96 10.21 -20.67
CA GLN A 205 -18.96 10.87 -21.97
C GLN A 205 -17.92 10.22 -22.88
N THR A 206 -16.69 10.10 -22.40
CA THR A 206 -15.58 9.75 -23.26
C THR A 206 -15.49 8.26 -23.55
N MET A 207 -16.47 7.47 -23.12
CA MET A 207 -16.49 6.05 -23.42
C MET A 207 -17.11 5.84 -24.80
N SER A 208 -16.74 4.74 -25.44
CA SER A 208 -17.22 4.45 -26.80
C SER A 208 -18.68 4.01 -26.78
N MET B 1 14.53 0.83 24.86
CA MET B 1 13.27 0.29 25.44
C MET B 1 13.28 -1.24 25.48
N LYS B 2 12.15 -1.81 25.91
CA LYS B 2 11.96 -3.26 25.96
C LYS B 2 11.25 -3.68 24.68
N LEU B 3 12.02 -4.24 23.74
CA LEU B 3 11.50 -4.64 22.45
C LEU B 3 11.35 -6.15 22.29
N ALA B 4 11.65 -6.95 23.30
CA ALA B 4 11.35 -8.38 23.22
C ALA B 4 9.91 -8.64 22.76
N PRO B 5 8.88 -7.93 23.23
CA PRO B 5 7.54 -8.23 22.74
C PRO B 5 7.40 -8.05 21.23
N TYR B 6 8.09 -7.06 20.65
CA TYR B 6 8.03 -6.86 19.20
C TYR B 6 8.75 -7.99 18.47
N ILE B 7 9.96 -8.30 18.92
CA ILE B 7 10.75 -9.38 18.33
C ILE B 7 9.96 -10.68 18.35
N LEU B 8 9.34 -11.00 19.49
CA LEU B 8 8.59 -12.24 19.61
C LEU B 8 7.42 -12.28 18.64
N GLU B 9 6.68 -11.17 18.50
CA GLU B 9 5.52 -11.21 17.63
C GLU B 9 5.91 -11.21 16.15
N LEU B 10 7.00 -10.54 15.79
CA LEU B 10 7.52 -10.65 14.44
C LEU B 10 7.89 -12.09 14.10
N LEU B 11 8.61 -12.76 14.99
CA LEU B 11 9.02 -14.13 14.70
C LEU B 11 7.81 -15.04 14.63
N THR B 12 6.78 -14.76 15.42
CA THR B 12 5.59 -15.59 15.41
C THR B 12 4.92 -15.56 14.05
N SER B 13 4.81 -14.38 13.45
CA SER B 13 4.17 -14.25 12.16
C SER B 13 4.89 -15.00 11.06
N VAL B 14 6.21 -15.23 11.20
CA VAL B 14 6.95 -15.98 10.19
C VAL B 14 7.28 -17.39 10.65
N ASN B 15 6.91 -17.78 11.86
CA ASN B 15 7.04 -19.17 12.27
C ASN B 15 5.73 -19.91 12.32
N ARG B 16 4.60 -19.22 12.13
CA ARG B 16 3.30 -19.84 12.36
C ARG B 16 2.96 -20.88 11.29
N THR B 17 3.29 -20.60 10.03
CA THR B 17 3.18 -21.61 8.99
C THR B 17 4.52 -22.30 8.84
N ASN B 18 4.48 -23.63 8.73
CA ASN B 18 5.71 -24.36 8.52
C ASN B 18 6.30 -23.94 7.17
N GLY B 19 7.62 -23.80 7.13
CA GLY B 19 8.31 -23.44 5.92
C GLY B 19 8.52 -21.96 5.68
N THR B 20 7.74 -21.07 6.33
CA THR B 20 7.75 -19.67 5.94
C THR B 20 9.11 -19.05 6.14
N ALA B 21 9.74 -19.35 7.27
CA ALA B 21 11.06 -18.83 7.58
C ALA B 21 12.10 -19.37 6.62
N ASP B 22 11.96 -20.64 6.19
CA ASP B 22 12.93 -21.22 5.25
C ASP B 22 12.75 -20.70 3.82
N LEU B 23 11.57 -20.23 3.48
CA LEU B 23 11.38 -19.66 2.14
C LEU B 23 11.84 -18.21 2.08
N LEU B 24 11.85 -17.52 3.23
CA LEU B 24 12.01 -16.07 3.27
C LEU B 24 13.37 -15.64 2.75
N VAL B 25 14.43 -16.15 3.35
CA VAL B 25 15.77 -15.70 2.99
C VAL B 25 16.08 -16.02 1.53
N PRO B 26 15.82 -17.24 1.03
CA PRO B 26 16.08 -17.48 -0.40
C PRO B 26 15.24 -16.60 -1.32
N LEU B 27 13.97 -16.34 -0.98
CA LEU B 27 13.15 -15.47 -1.83
C LEU B 27 13.66 -14.02 -1.80
N LEU B 28 14.03 -13.51 -0.63
CA LEU B 28 14.57 -12.16 -0.56
C LEU B 28 15.82 -12.05 -1.41
N ARG B 29 16.69 -13.06 -1.33
CA ARG B 29 17.94 -12.99 -2.09
C ARG B 29 17.65 -12.95 -3.57
N GLU B 30 16.65 -13.72 -4.03
CA GLU B 30 16.29 -13.69 -5.45
C GLU B 30 15.64 -12.36 -5.82
N LEU B 31 14.74 -11.84 -4.98
CA LEU B 31 14.16 -10.53 -5.30
C LEU B 31 15.22 -9.46 -5.33
N ALA B 32 16.25 -9.59 -4.50
CA ALA B 32 17.29 -8.56 -4.51
C ALA B 32 18.03 -8.51 -5.84
N LYS B 33 17.93 -9.54 -6.67
CA LYS B 33 18.53 -9.49 -8.01
C LYS B 33 17.71 -8.63 -8.96
N GLY B 34 16.52 -8.23 -8.55
CA GLY B 34 15.73 -7.29 -9.30
C GLY B 34 14.73 -7.88 -10.25
N ARG B 35 14.55 -9.21 -10.26
CA ARG B 35 13.65 -9.81 -11.24
C ARG B 35 12.51 -10.59 -10.57
N PRO B 36 11.34 -10.62 -11.21
CA PRO B 36 10.25 -11.45 -10.68
C PRO B 36 10.63 -12.91 -10.57
N VAL B 37 10.02 -13.60 -9.61
CA VAL B 37 10.40 -14.96 -9.24
C VAL B 37 9.18 -15.88 -9.36
N SER B 38 9.26 -16.89 -10.24
CA SER B 38 8.14 -17.81 -10.38
C SER B 38 8.13 -18.84 -9.25
N ARG B 39 6.95 -19.42 -9.04
CA ARG B 39 6.82 -20.47 -8.03
C ARG B 39 7.74 -21.66 -8.34
N THR B 40 7.82 -22.06 -9.61
CA THR B 40 8.71 -23.18 -9.93
C THR B 40 10.17 -22.78 -9.77
N THR B 41 10.53 -21.52 -10.04
CA THR B 41 11.91 -21.10 -9.82
C THR B 41 12.25 -21.19 -8.34
N LEU B 42 11.33 -20.73 -7.50
CA LEU B 42 11.58 -20.70 -6.07
C LEU B 42 11.61 -22.12 -5.49
N ALA B 43 10.73 -23.00 -5.98
CA ALA B 43 10.75 -24.39 -5.55
C ALA B 43 12.07 -25.05 -5.90
N GLY B 44 12.62 -24.70 -7.06
CA GLY B 44 13.93 -25.22 -7.43
C GLY B 44 15.03 -24.73 -6.52
N ILE B 45 14.96 -23.48 -6.09
CA ILE B 45 15.98 -22.94 -5.19
C ILE B 45 15.90 -23.62 -3.82
N LEU B 46 14.68 -23.95 -3.36
CA LEU B 46 14.46 -24.57 -2.06
C LEU B 46 14.53 -26.10 -2.09
N ASP B 47 14.59 -26.71 -3.27
CA ASP B 47 14.46 -28.16 -3.43
C ASP B 47 13.18 -28.67 -2.77
N TRP B 48 12.07 -27.94 -2.97
CA TRP B 48 10.76 -28.29 -2.47
C TRP B 48 9.82 -28.61 -3.61
N PRO B 49 8.74 -29.35 -3.33
CA PRO B 49 7.65 -29.44 -4.31
C PRO B 49 6.89 -28.12 -4.43
N ALA B 50 6.44 -27.83 -5.65
CA ALA B 50 5.77 -26.55 -5.89
C ALA B 50 4.56 -26.37 -4.99
N GLU B 51 3.94 -27.48 -4.61
CA GLU B 51 2.79 -27.46 -3.71
C GLU B 51 3.15 -26.85 -2.36
N ARG B 52 4.34 -27.17 -1.85
CA ARG B 52 4.77 -26.62 -0.56
C ARG B 52 5.02 -25.12 -0.66
N VAL B 53 5.63 -24.67 -1.76
CA VAL B 53 5.77 -23.23 -2.02
C VAL B 53 4.40 -22.58 -2.04
N ALA B 54 3.43 -23.21 -2.70
CA ALA B 54 2.13 -22.58 -2.84
C ALA B 54 1.43 -22.47 -1.48
N ALA B 55 1.57 -23.50 -0.65
CA ALA B 55 0.95 -23.45 0.68
C ALA B 55 1.56 -22.33 1.53
N VAL B 56 2.88 -22.17 1.52
CA VAL B 56 3.49 -21.10 2.30
C VAL B 56 3.02 -19.74 1.79
N LEU B 57 3.02 -19.55 0.46
CA LEU B 57 2.64 -18.25 -0.07
C LEU B 57 1.16 -17.96 0.13
N GLU B 58 0.30 -18.99 0.20
CA GLU B 58 -1.12 -18.75 0.43
C GLU B 58 -1.37 -18.07 1.77
N GLN B 59 -0.58 -18.41 2.78
CA GLN B 59 -0.69 -17.73 4.07
C GLN B 59 -0.13 -16.31 4.04
N ALA B 60 0.71 -15.97 3.07
CA ALA B 60 1.32 -14.64 3.00
C ALA B 60 0.48 -13.74 2.10
N THR B 61 -0.57 -13.16 2.70
CA THR B 61 -1.62 -12.50 1.92
C THR B 61 -1.17 -11.17 1.33
N SER B 62 -0.07 -10.62 1.81
CA SER B 62 0.46 -9.37 1.30
C SER B 62 1.36 -9.57 0.07
N THR B 63 1.71 -10.80 -0.26
CA THR B 63 2.60 -11.07 -1.39
C THR B 63 2.12 -10.39 -2.66
N GLU B 64 3.05 -9.74 -3.37
CA GLU B 64 2.74 -9.03 -4.60
C GLU B 64 3.16 -9.88 -5.78
N TYR B 65 2.29 -9.93 -6.77
CA TYR B 65 2.51 -10.69 -8.01
C TYR B 65 2.38 -9.80 -9.24
N ASP B 66 3.09 -10.21 -10.30
CA ASP B 66 2.96 -9.50 -11.58
C ASP B 66 1.91 -10.16 -12.46
N LYS B 67 1.82 -9.70 -13.72
CA LYS B 67 0.77 -10.14 -14.62
C LYS B 67 0.87 -11.61 -14.98
N ASP B 68 2.00 -12.26 -14.76
CA ASP B 68 2.19 -13.67 -15.04
C ASP B 68 2.16 -14.52 -13.77
N GLY B 69 1.86 -13.92 -12.62
CA GLY B 69 1.87 -14.64 -11.36
C GLY B 69 3.23 -14.76 -10.72
N ASN B 70 4.26 -14.14 -11.29
CA ASN B 70 5.55 -14.17 -10.61
C ASN B 70 5.50 -13.28 -9.39
N ILE B 71 6.25 -13.69 -8.38
CA ILE B 71 6.38 -12.91 -7.15
C ILE B 71 7.24 -11.69 -7.43
N ILE B 72 6.72 -10.52 -7.09
CA ILE B 72 7.49 -9.28 -7.23
C ILE B 72 7.61 -8.52 -5.91
N GLY B 73 6.99 -9.00 -4.86
CA GLY B 73 7.07 -8.33 -3.57
C GLY B 73 6.77 -9.24 -2.40
N TYR B 74 7.72 -9.27 -1.47
CA TYR B 74 7.61 -9.99 -0.23
CA TYR B 74 7.51 -9.92 -0.18
C TYR B 74 8.49 -9.24 0.79
N GLY B 75 8.01 -8.12 1.34
CA GLY B 75 8.85 -7.26 2.16
C GLY B 75 9.73 -6.37 1.31
N LEU B 76 10.64 -6.99 0.57
CA LEU B 76 11.37 -6.34 -0.48
C LEU B 76 10.55 -6.46 -1.75
N THR B 77 10.52 -5.39 -2.54
CA THR B 77 9.57 -5.41 -3.66
C THR B 77 10.10 -4.61 -4.84
N LEU B 78 9.66 -5.01 -6.01
CA LEU B 78 10.01 -4.31 -7.22
C LEU B 78 9.05 -3.16 -7.49
N ARG B 79 7.92 -3.11 -6.79
CA ARG B 79 6.94 -2.05 -7.00
C ARG B 79 7.17 -0.91 -6.04
N GLU B 80 7.05 0.31 -6.55
CA GLU B 80 7.32 1.53 -5.79
C GLU B 80 6.56 1.58 -4.47
N THR B 81 7.26 2.02 -3.43
CA THR B 81 6.71 2.33 -2.10
C THR B 81 7.43 3.58 -1.61
N SER B 82 7.06 4.01 -0.40
CA SER B 82 7.69 5.12 0.30
C SER B 82 9.10 4.83 0.77
N TYR B 83 9.59 3.59 0.61
CA TYR B 83 10.87 3.19 1.19
C TYR B 83 11.76 2.73 0.04
N VAL B 84 12.67 3.59 -0.36
CA VAL B 84 13.60 3.26 -1.43
C VAL B 84 14.77 2.48 -0.86
N PHE B 85 15.11 1.39 -1.53
CA PHE B 85 16.08 0.42 -1.05
C PHE B 85 16.99 0.15 -2.25
N GLU B 86 18.08 0.88 -2.36
CA GLU B 86 18.96 0.79 -3.51
C GLU B 86 20.16 -0.09 -3.18
N ILE B 87 20.32 -1.16 -3.93
CA ILE B 87 21.49 -2.03 -3.83
C ILE B 87 22.16 -2.05 -5.19
N ASP B 88 23.42 -1.60 -5.24
CA ASP B 88 24.25 -1.69 -6.44
C ASP B 88 23.49 -1.49 -7.74
N ASP B 89 23.20 -0.25 -8.08
CA ASP B 89 22.63 0.14 -9.37
C ASP B 89 21.15 -0.17 -9.46
N ARG B 90 20.59 -0.98 -8.55
CA ARG B 90 19.20 -1.42 -8.64
C ARG B 90 18.36 -0.61 -7.64
N ARG B 91 17.27 -0.06 -8.11
CA ARG B 91 16.37 0.71 -7.25
C ARG B 91 15.25 -0.24 -6.89
N LEU B 92 15.27 -0.75 -5.67
CA LEU B 92 14.18 -1.56 -5.14
C LEU B 92 13.49 -0.80 -4.02
N TYR B 93 12.49 -1.45 -3.45
CA TYR B 93 11.61 -0.83 -2.46
C TYR B 93 11.35 -1.81 -1.32
N ALA B 94 10.83 -1.27 -0.23
CA ALA B 94 10.54 -2.03 0.95
C ALA B 94 9.17 -1.63 1.46
N TRP B 95 8.53 -2.57 2.14
CA TRP B 95 7.18 -2.33 2.66
C TRP B 95 7.16 -1.38 3.85
N CYS B 96 8.16 -1.43 4.75
CA CYS B 96 8.19 -0.50 5.88
C CYS B 96 9.62 -0.11 6.27
N ALA B 97 9.71 0.80 7.25
CA ALA B 97 11.03 1.23 7.71
C ALA B 97 11.83 0.08 8.30
N LEU B 98 11.19 -0.76 9.11
CA LEU B 98 11.96 -1.82 9.75
C LEU B 98 12.47 -2.84 8.73
N ASP B 99 11.70 -3.10 7.66
CA ASP B 99 12.19 -3.93 6.56
C ASP B 99 13.54 -3.46 6.02
N THR B 100 13.71 -2.14 5.82
CA THR B 100 14.96 -1.66 5.25
C THR B 100 16.12 -1.91 6.18
N LEU B 101 15.86 -2.07 7.47
CA LEU B 101 16.89 -2.31 8.48
C LEU B 101 17.25 -3.79 8.61
N ILE B 102 16.29 -4.69 8.37
CA ILE B 102 16.48 -6.13 8.49
C ILE B 102 17.12 -6.76 7.24
N PHE B 103 16.66 -6.39 6.03
CA PHE B 103 17.03 -7.14 4.84
C PHE B 103 18.53 -7.14 4.52
N PRO B 104 19.30 -6.07 4.77
CA PRO B 104 20.70 -6.12 4.35
C PRO B 104 21.47 -7.27 4.95
N ALA B 105 21.26 -7.59 6.24
CA ALA B 105 21.91 -8.75 6.83
C ALA B 105 21.49 -10.05 6.14
N LEU B 106 20.20 -10.17 5.84
CA LEU B 106 19.67 -11.42 5.27
C LEU B 106 20.17 -11.64 3.86
N ILE B 107 20.35 -10.57 3.08
CA ILE B 107 20.78 -10.72 1.69
C ILE B 107 22.27 -10.52 1.49
N GLY B 108 23.00 -10.13 2.53
CA GLY B 108 24.43 -9.96 2.41
C GLY B 108 24.87 -8.77 1.60
N ARG B 109 24.13 -7.67 1.66
CA ARG B 109 24.37 -6.48 0.85
C ARG B 109 24.21 -5.23 1.70
N THR B 110 24.90 -4.17 1.31
CA THR B 110 24.66 -2.86 1.87
C THR B 110 23.68 -2.09 0.98
N ALA B 111 22.68 -1.47 1.61
CA ALA B 111 21.64 -0.75 0.90
C ALA B 111 21.70 0.71 1.23
N ARG B 112 21.44 1.54 0.23
CA ARG B 112 21.20 2.96 0.45
C ARG B 112 19.70 3.18 0.58
N VAL B 113 19.25 3.58 1.77
CA VAL B 113 17.81 3.67 2.04
C VAL B 113 17.38 5.13 2.12
N SER B 114 16.22 5.43 1.54
CA SER B 114 15.70 6.79 1.65
C SER B 114 14.19 6.82 1.67
N SER B 115 13.65 7.83 2.32
CA SER B 115 12.22 7.96 2.50
C SER B 115 11.93 9.43 2.85
N HIS B 116 10.73 9.67 3.36
CA HIS B 116 10.34 10.95 3.93
C HIS B 116 9.71 10.75 5.29
N CYS B 117 9.99 11.67 6.20
CA CYS B 117 9.40 11.67 7.53
C CYS B 117 7.88 11.60 7.43
N ALA B 118 7.27 10.62 8.13
CA ALA B 118 5.84 10.45 8.06
C ALA B 118 5.07 11.60 8.71
N ALA B 119 5.72 12.44 9.52
CA ALA B 119 5.00 13.49 10.21
C ALA B 119 5.14 14.84 9.53
N THR B 120 6.24 15.05 8.81
CA THR B 120 6.56 16.37 8.25
C THR B 120 6.96 16.32 6.79
N GLY B 121 7.19 15.14 6.22
CA GLY B 121 7.60 15.02 4.83
C GLY B 121 9.06 15.29 4.59
N ALA B 122 9.81 15.65 5.62
CA ALA B 122 11.22 15.95 5.43
C ALA B 122 11.96 14.71 4.89
N PRO B 123 12.88 14.87 3.95
CA PRO B 123 13.65 13.72 3.47
C PRO B 123 14.51 13.10 4.58
N VAL B 124 14.62 11.78 4.51
CA VAL B 124 15.45 11.00 5.41
C VAL B 124 16.22 9.97 4.59
N SER B 125 17.44 9.71 5.01
CA SER B 125 18.24 8.70 4.34
C SER B 125 19.22 8.08 5.33
N LEU B 126 19.72 6.90 4.97
CA LEU B 126 20.76 6.25 5.75
C LEU B 126 21.30 5.09 4.93
N THR B 127 22.48 4.61 5.33
CA THR B 127 23.06 3.42 4.74
C THR B 127 22.99 2.29 5.75
N VAL B 128 22.44 1.16 5.31
CA VAL B 128 22.21 0.01 6.15
C VAL B 128 23.06 -1.13 5.61
N SER B 129 24.01 -1.60 6.42
CA SER B 129 24.81 -2.78 6.07
C SER B 129 24.38 -3.97 6.91
N PRO B 130 24.99 -5.14 6.72
CA PRO B 130 24.63 -6.28 7.58
C PRO B 130 24.88 -6.04 9.06
N SER B 131 25.85 -5.21 9.44
CA SER B 131 26.23 -5.09 10.83
C SER B 131 25.91 -3.74 11.45
N GLU B 132 25.54 -2.72 10.67
CA GLU B 132 25.32 -1.40 11.26
C GLU B 132 24.62 -0.49 10.27
N ILE B 133 24.15 0.65 10.80
CA ILE B 133 23.63 1.76 10.01
C ILE B 133 24.64 2.88 10.04
N GLN B 134 24.67 3.64 8.95
CA GLN B 134 25.62 4.75 8.82
C GLN B 134 24.96 5.86 8.02
N ALA B 135 25.65 7.01 7.97
CA ALA B 135 25.18 8.18 7.24
C ALA B 135 23.73 8.48 7.57
N VAL B 136 23.39 8.38 8.86
CA VAL B 136 22.02 8.57 9.31
C VAL B 136 21.68 10.05 9.18
N GLU B 137 20.79 10.39 8.25
CA GLU B 137 20.47 11.80 7.99
C GLU B 137 18.95 12.05 7.97
N PRO B 138 18.42 12.84 8.93
CA PRO B 138 19.08 13.52 10.05
C PRO B 138 19.51 12.58 11.15
N ALA B 139 20.46 13.02 11.97
CA ALA B 139 21.06 12.14 12.97
C ALA B 139 20.03 11.64 13.98
N GLY B 140 19.03 12.45 14.30
CA GLY B 140 18.03 12.05 15.28
C GLY B 140 16.86 11.27 14.72
N MET B 141 17.05 10.70 13.53
CA MET B 141 16.01 9.92 12.88
C MET B 141 15.40 8.91 13.84
N ALA B 142 14.08 8.76 13.76
CA ALA B 142 13.29 7.91 14.65
C ALA B 142 12.48 6.94 13.81
N VAL B 143 11.94 5.93 14.48
CA VAL B 143 11.12 4.90 13.85
C VAL B 143 9.93 4.64 14.74
N SER B 144 8.76 4.44 14.13
CA SER B 144 7.57 4.03 14.86
C SER B 144 7.43 2.51 14.80
N LEU B 145 7.06 1.93 15.92
CA LEU B 145 6.79 0.51 16.03
C LEU B 145 5.37 0.32 16.51
N VAL B 146 4.71 -0.73 16.01
CA VAL B 146 3.48 -1.23 16.58
C VAL B 146 3.69 -2.72 16.83
N LEU B 147 2.85 -3.26 17.66
CA LEU B 147 2.88 -4.68 17.90
C LEU B 147 2.32 -5.41 16.68
N PRO B 148 3.12 -6.23 15.98
CA PRO B 148 2.57 -7.11 14.94
C PRO B 148 1.36 -7.86 15.46
N GLN B 149 0.35 -8.00 14.61
CA GLN B 149 -0.88 -8.70 14.93
C GLN B 149 -0.82 -10.10 14.32
N GLU B 150 -0.75 -11.14 15.17
CA GLU B 150 -0.66 -12.49 14.65
C GLU B 150 -1.84 -12.77 13.72
N ALA B 151 -1.56 -13.36 12.56
CA ALA B 151 -2.54 -13.83 11.60
C ALA B 151 -3.15 -12.70 10.76
N ALA B 152 -2.89 -11.43 11.08
CA ALA B 152 -3.43 -10.34 10.27
C ALA B 152 -2.54 -10.13 9.06
N ASP B 153 -3.10 -9.45 8.06
CA ASP B 153 -2.32 -9.00 6.93
C ASP B 153 -1.17 -8.13 7.45
N VAL B 154 0.06 -8.51 7.14
CA VAL B 154 1.20 -7.91 7.81
C VAL B 154 1.38 -6.49 7.31
N ARG B 155 1.04 -6.24 6.07
CA ARG B 155 1.27 -4.93 5.50
C ARG B 155 0.29 -3.91 6.05
N GLN B 156 -0.99 -4.30 6.17
CA GLN B 156 -2.00 -3.41 6.74
C GLN B 156 -1.96 -3.32 8.27
N SER B 157 -1.47 -4.35 8.97
CA SER B 157 -1.44 -4.35 10.44
C SER B 157 -0.11 -3.89 11.02
N PHE B 158 0.97 -3.95 10.25
CA PHE B 158 2.30 -3.64 10.78
C PHE B 158 3.00 -2.62 9.88
N CYS B 159 3.35 -3.00 8.65
CA CYS B 159 4.21 -2.19 7.80
C CYS B 159 3.66 -0.76 7.62
N CYS B 160 2.34 -0.62 7.44
CA CYS B 160 1.81 0.71 7.14
CA CYS B 160 1.78 0.69 7.16
C CYS B 160 1.84 1.64 8.35
N HIS B 161 2.25 1.15 9.52
CA HIS B 161 2.42 1.98 10.70
C HIS B 161 3.86 2.12 11.14
N VAL B 162 4.79 1.57 10.38
CA VAL B 162 6.18 1.52 10.80
C VAL B 162 6.94 2.43 9.83
N HIS B 163 7.20 3.67 10.26
CA HIS B 163 7.72 4.74 9.44
C HIS B 163 9.02 5.29 10.00
N PHE B 164 9.72 6.02 9.14
CA PHE B 164 10.80 6.87 9.58
C PHE B 164 10.25 8.26 9.92
N PHE B 165 10.94 8.94 10.84
CA PHE B 165 10.62 10.28 11.29
C PHE B 165 11.91 11.06 11.44
N ALA B 166 11.82 12.37 11.21
CA ALA B 166 13.02 13.22 11.23
C ALA B 166 13.64 13.33 12.62
N SER B 167 12.85 13.14 13.68
CA SER B 167 13.37 13.22 15.03
C SER B 167 12.42 12.48 15.97
N VAL B 168 12.92 12.15 17.16
CA VAL B 168 12.11 11.48 18.16
C VAL B 168 11.00 12.40 18.68
N PRO B 169 11.25 13.68 18.98
CA PRO B 169 10.12 14.53 19.43
C PRO B 169 9.07 14.73 18.35
N THR B 170 9.49 14.94 17.10
CA THR B 170 8.53 14.98 16.00
C THR B 170 7.72 13.71 15.92
N ALA B 171 8.38 12.56 16.06
CA ALA B 171 7.68 11.28 16.05
C ALA B 171 6.77 11.12 17.26
N GLU B 172 7.21 11.57 18.44
CA GLU B 172 6.36 11.47 19.62
C GLU B 172 5.13 12.36 19.50
N ASP B 173 5.27 13.55 18.93
CA ASP B 173 4.10 14.36 18.69
C ASP B 173 3.11 13.65 17.76
N TRP B 174 3.62 13.08 16.68
CA TRP B 174 2.77 12.29 15.77
C TRP B 174 2.08 11.14 16.52
N ALA B 175 2.84 10.40 17.34
CA ALA B 175 2.27 9.24 18.03
C ALA B 175 1.23 9.65 19.06
N SER B 176 1.33 10.85 19.60
CA SER B 176 0.31 11.33 20.54
C SER B 176 -1.07 11.39 19.89
N LYS B 177 -1.14 11.52 18.57
CA LYS B 177 -2.42 11.53 17.86
C LYS B 177 -2.91 10.17 17.39
N HIS B 178 -2.17 9.09 17.63
CA HIS B 178 -2.52 7.78 17.11
C HIS B 178 -2.49 6.70 18.19
N GLN B 179 -3.10 6.99 19.33
CA GLN B 179 -3.03 6.10 20.48
C GLN B 179 -3.90 4.85 20.32
N GLY B 180 -4.70 4.76 19.25
CA GLY B 180 -5.46 3.56 18.94
C GLY B 180 -4.65 2.40 18.35
N LEU B 181 -3.40 2.63 17.95
CA LEU B 181 -2.56 1.57 17.40
C LEU B 181 -1.91 0.76 18.53
N GLU B 182 -2.09 -0.56 18.49
CA GLU B 182 -1.65 -1.42 19.59
C GLU B 182 -0.14 -1.37 19.77
N GLY B 183 0.31 -1.01 20.97
CA GLY B 183 1.72 -1.00 21.28
C GLY B 183 2.53 0.02 20.50
N LEU B 184 1.90 1.12 20.05
CA LEU B 184 2.63 2.16 19.36
C LEU B 184 3.77 2.67 20.23
N ALA B 185 4.98 2.66 19.67
CA ALA B 185 6.13 3.20 20.38
C ALA B 185 7.06 3.86 19.39
N ILE B 186 7.76 4.90 19.87
CA ILE B 186 8.81 5.56 19.09
C ILE B 186 10.16 5.15 19.65
N VAL B 187 11.08 4.79 18.76
CA VAL B 187 12.45 4.46 19.12
C VAL B 187 13.39 5.17 18.15
N SER B 188 14.62 5.39 18.61
CA SER B 188 15.65 5.88 17.70
C SER B 188 15.85 4.86 16.57
N VAL B 189 16.37 5.31 15.42
CA VAL B 189 16.63 4.36 14.34
C VAL B 189 17.71 3.35 14.77
N HIS B 190 18.65 3.75 15.63
CA HIS B 190 19.65 2.79 16.10
CA HIS B 190 19.65 2.80 16.12
C HIS B 190 18.99 1.67 16.91
N GLU B 191 18.03 2.01 17.78
CA GLU B 191 17.31 0.99 18.53
C GLU B 191 16.50 0.08 17.60
N ALA B 192 15.88 0.67 16.56
CA ALA B 192 15.13 -0.11 15.57
C ALA B 192 16.05 -1.06 14.84
N PHE B 193 17.27 -0.60 14.49
CA PHE B 193 18.22 -1.49 13.85
C PHE B 193 18.61 -2.62 14.79
N GLY B 194 18.81 -2.31 16.07
CA GLY B 194 19.03 -3.36 17.06
C GLY B 194 17.91 -4.37 17.14
N LEU B 195 16.66 -3.89 17.09
CA LEU B 195 15.54 -4.83 17.05
C LEU B 195 15.68 -5.80 15.88
N GLY B 196 16.05 -5.28 14.70
CA GLY B 196 16.14 -6.15 13.55
C GLY B 196 17.27 -7.16 13.66
N GLN B 197 18.38 -6.79 14.31
CA GLN B 197 19.46 -7.74 14.50
C GLN B 197 19.01 -8.88 15.38
N GLU B 198 18.30 -8.56 16.45
CA GLU B 198 17.70 -9.59 17.30
C GLU B 198 16.75 -10.47 16.51
N PHE B 199 15.87 -9.85 15.71
CA PHE B 199 15.01 -10.62 14.83
C PHE B 199 15.81 -11.58 13.95
N ASN B 200 16.85 -11.07 13.27
CA ASN B 200 17.60 -11.91 12.33
C ASN B 200 18.33 -13.04 13.07
N ARG B 201 18.93 -12.73 14.22
CA ARG B 201 19.65 -13.70 15.03
C ARG B 201 18.75 -14.89 15.39
N HIS B 202 17.51 -14.61 15.80
CA HIS B 202 16.59 -15.70 16.13
C HIS B 202 16.07 -16.40 14.89
N LEU B 203 15.75 -15.65 13.82
CA LEU B 203 15.29 -16.26 12.57
C LEU B 203 16.29 -17.27 12.05
N LEU B 204 17.56 -16.88 12.00
CA LEU B 204 18.57 -17.78 11.46
C LEU B 204 18.68 -19.08 12.27
N GLN B 205 18.42 -19.04 13.58
CA GLN B 205 18.54 -20.23 14.41
C GLN B 205 17.49 -21.28 14.11
N THR B 206 16.32 -20.86 13.64
CA THR B 206 15.21 -21.78 13.44
C THR B 206 15.03 -22.20 12.00
N MET B 207 15.82 -21.64 11.08
CA MET B 207 15.86 -22.16 9.72
C MET B 207 16.44 -23.57 9.73
N SER B 208 15.94 -24.40 8.82
CA SER B 208 16.37 -25.80 8.78
C SER B 208 17.55 -25.97 7.84
#